data_8EF0
#
_entry.id   8EF0
#
_cell.length_a   71.728
_cell.length_b   71.728
_cell.length_c   159.991
_cell.angle_alpha   90.000
_cell.angle_beta   90.000
_cell.angle_gamma   120.000
#
_symmetry.space_group_name_H-M   'P 32 2 1'
#
loop_
_entity.id
_entity.type
_entity.pdbx_description
1 polymer 'rhMZ104-D antibody heavy chain'
2 polymer 'rhMZ104-D antibody light chain'
3 non-polymer 'ZINC ION'
4 non-polymer 'PHOSPHATE ION'
5 water water
#
loop_
_entity_poly.entity_id
_entity_poly.type
_entity_poly.pdbx_seq_one_letter_code
_entity_poly.pdbx_strand_id
1 'polypeptide(L)'
;EVQLVESGGGLAKPGGSLRLSCAASGFTFSDYYMDWVRQAPGKGLEWVSRISNGGGSTWYADSVKGRFTISRENAKNTLY
LQMNSLRAEDTAVYYCARERYCSGGVCYAGTKYFDYWGQGVLVTVSSASTKGPSVFPLAPSSRSTSESTAALGCLVKDYF
PEPVTVSWNSGSLTSGVHTFPAVLQSSGLYSLSSVVTVPSSSLGTQTYVCNVNHKPSNTKVDKRVEIK
;
H
2 'polypeptide(L)'
;QPVLTQPPSLSASPGASARLPCTLSSDLSVGSKNMYWYQQKPGSAPRLFLYYYSDSDKQLGPGVPNRVSGSKETSSNTAF
LLISGLQPEDEADYYCQVYDSSANWVFGGGTRLTVLGQPKAAPSVTLFPPSSEELQANKATLVCLISDFYPGAVEVAWKA
DGSAVNAGVETTKPSKQSNNKYAASSYLSLTSDQWKSHKSYSCQVTHEGSTVEKTVAPAE
;
L
#
# COMPACT_ATOMS: atom_id res chain seq x y z
N VAL A 2 -9.42 -21.17 -3.87
CA VAL A 2 -8.90 -20.37 -4.99
C VAL A 2 -7.82 -19.41 -4.51
N GLN A 3 -6.56 -19.71 -4.84
CA GLN A 3 -5.40 -19.00 -4.34
C GLN A 3 -4.49 -18.64 -5.50
N LEU A 4 -4.09 -17.36 -5.55
CA LEU A 4 -3.06 -16.88 -6.47
C LEU A 4 -1.93 -16.31 -5.60
N VAL A 5 -0.85 -17.10 -5.45
CA VAL A 5 0.29 -16.72 -4.61
C VAL A 5 1.46 -16.38 -5.52
N GLU A 6 1.90 -15.14 -5.47
CA GLU A 6 3.01 -14.68 -6.29
C GLU A 6 4.33 -14.74 -5.52
N SER A 7 5.42 -14.70 -6.28
CA SER A 7 6.78 -14.65 -5.73
C SER A 7 7.71 -14.19 -6.84
N GLY A 8 8.91 -13.78 -6.46
CA GLY A 8 9.95 -13.45 -7.41
C GLY A 8 10.18 -11.98 -7.70
N GLY A 9 9.72 -11.08 -6.83
CA GLY A 9 9.95 -9.66 -7.02
C GLY A 9 11.38 -9.27 -6.71
N GLY A 10 11.56 -8.04 -6.23
CA GLY A 10 12.83 -7.62 -5.69
C GLY A 10 13.52 -6.54 -6.52
N LEU A 11 14.80 -6.35 -6.22
CA LEU A 11 15.61 -5.30 -6.81
C LEU A 11 16.32 -5.79 -8.07
N ALA A 12 16.37 -4.94 -9.09
CA ALA A 12 17.11 -5.27 -10.30
C ALA A 12 17.72 -4.00 -10.90
N LYS A 13 18.98 -4.13 -11.32
CA LYS A 13 19.70 -3.03 -11.95
C LYS A 13 19.08 -2.69 -13.30
N PRO A 14 19.08 -1.41 -13.69
CA PRO A 14 18.57 -1.03 -15.02
C PRO A 14 19.20 -1.89 -16.10
N GLY A 15 18.41 -2.22 -17.11
CA GLY A 15 18.83 -3.19 -18.10
C GLY A 15 18.85 -4.63 -17.64
N GLY A 16 18.58 -4.89 -16.36
CA GLY A 16 18.63 -6.23 -15.83
C GLY A 16 17.36 -7.01 -16.11
N SER A 17 17.26 -8.17 -15.46
CA SER A 17 16.12 -9.06 -15.66
C SER A 17 15.62 -9.59 -14.31
N LEU A 18 14.34 -9.91 -14.29
CA LEU A 18 13.68 -10.56 -13.18
C LEU A 18 12.62 -11.48 -13.75
N ARG A 19 12.18 -12.44 -12.95
CA ARG A 19 11.09 -13.32 -13.33
C ARG A 19 10.09 -13.38 -12.19
N LEU A 20 8.82 -13.20 -12.50
CA LEU A 20 7.76 -13.31 -11.52
C LEU A 20 7.03 -14.63 -11.69
N SER A 21 6.53 -15.16 -10.59
CA SER A 21 5.79 -16.41 -10.57
C SER A 21 4.46 -16.20 -9.85
N CYS A 22 3.44 -16.90 -10.31
CA CYS A 22 2.10 -16.91 -9.72
C CYS A 22 1.67 -18.38 -9.70
N ALA A 23 1.74 -18.99 -8.52
CA ALA A 23 1.20 -20.32 -8.34
C ALA A 23 -0.28 -20.25 -8.02
N ALA A 24 -1.08 -21.02 -8.75
CA ALA A 24 -2.52 -21.06 -8.58
C ALA A 24 -2.95 -22.37 -7.94
N SER A 25 -4.04 -22.32 -7.17
CA SER A 25 -4.60 -23.53 -6.59
C SER A 25 -6.10 -23.35 -6.40
N GLY A 26 -6.84 -24.46 -6.45
CA GLY A 26 -8.26 -24.43 -6.18
C GLY A 26 -9.16 -24.24 -7.38
N PHE A 27 -8.65 -24.43 -8.59
CA PHE A 27 -9.45 -24.34 -9.80
C PHE A 27 -8.65 -24.95 -10.95
N THR A 28 -9.35 -25.27 -12.03
CA THR A 28 -8.67 -25.80 -13.21
C THR A 28 -7.91 -24.66 -13.87
N PHE A 29 -6.61 -24.57 -13.58
CA PHE A 29 -5.79 -23.47 -14.07
C PHE A 29 -5.78 -23.41 -15.60
N SER A 30 -5.83 -24.56 -16.26
CA SER A 30 -5.75 -24.64 -17.71
C SER A 30 -7.04 -24.21 -18.40
N ASP A 31 -8.06 -23.80 -17.65
CA ASP A 31 -9.32 -23.38 -18.24
C ASP A 31 -9.50 -21.87 -18.30
N TYR A 32 -8.60 -21.10 -17.69
CA TYR A 32 -8.79 -19.67 -17.51
C TYR A 32 -7.69 -18.89 -18.20
N TYR A 33 -8.07 -17.77 -18.81
CA TYR A 33 -7.10 -16.76 -19.20
C TYR A 33 -6.48 -16.15 -17.95
N MET A 34 -5.20 -15.78 -18.05
CA MET A 34 -4.54 -15.10 -16.95
C MET A 34 -3.99 -13.78 -17.45
N ASP A 35 -3.71 -12.89 -16.49
CA ASP A 35 -3.23 -11.55 -16.80
C ASP A 35 -2.23 -11.09 -15.76
N TRP A 36 -1.33 -10.20 -16.18
CA TRP A 36 -0.48 -9.43 -15.28
C TRP A 36 -0.89 -7.97 -15.36
N VAL A 37 -1.17 -7.39 -14.19
CA VAL A 37 -1.51 -5.99 -14.00
C VAL A 37 -0.45 -5.36 -13.09
N ARG A 38 -0.24 -4.07 -13.25
CA ARG A 38 0.88 -3.37 -12.63
C ARG A 38 0.39 -2.09 -11.97
N GLN A 39 1.05 -1.69 -10.88
CA GLN A 39 0.65 -0.48 -10.17
C GLN A 39 1.88 0.22 -9.62
N ALA A 40 2.27 1.31 -10.27
CA ALA A 40 3.38 2.12 -9.79
C ALA A 40 3.03 2.74 -8.45
N PRO A 41 4.03 3.01 -7.60
CA PRO A 41 3.74 3.50 -6.24
C PRO A 41 2.99 4.82 -6.27
N GLY A 42 1.76 4.79 -5.75
CA GLY A 42 0.90 5.95 -5.72
C GLY A 42 0.07 6.20 -6.98
N LYS A 43 0.24 5.39 -8.01
CA LYS A 43 -0.45 5.56 -9.28
C LYS A 43 -1.56 4.52 -9.40
N GLY A 44 -2.19 4.44 -10.57
CA GLY A 44 -3.29 3.55 -10.80
C GLY A 44 -2.86 2.23 -11.42
N LEU A 45 -3.86 1.40 -11.72
CA LEU A 45 -3.61 0.09 -12.31
C LEU A 45 -3.33 0.23 -13.81
N GLU A 46 -2.37 -0.55 -14.29
CA GLU A 46 -2.02 -0.59 -15.70
C GLU A 46 -1.86 -2.06 -16.08
N TRP A 47 -2.63 -2.50 -17.07
CA TRP A 47 -2.52 -3.87 -17.57
C TRP A 47 -1.17 -4.06 -18.28
N VAL A 48 -0.56 -5.23 -18.06
CA VAL A 48 0.76 -5.53 -18.60
C VAL A 48 0.69 -6.63 -19.65
N SER A 49 0.14 -7.79 -19.30
CA SER A 49 0.24 -8.93 -20.21
C SER A 49 -0.99 -9.82 -20.06
N ARG A 50 -1.25 -10.60 -21.11
CA ARG A 50 -2.41 -11.50 -21.12
C ARG A 50 -2.01 -12.80 -21.80
N ILE A 51 -2.40 -13.93 -21.20
CA ILE A 51 -2.12 -15.26 -21.73
C ILE A 51 -3.41 -16.06 -21.78
N SER A 52 -3.62 -16.78 -22.87
CA SER A 52 -4.79 -17.64 -22.99
C SER A 52 -4.62 -18.89 -22.14
N ASN A 53 -5.67 -19.71 -22.11
CA ASN A 53 -5.63 -20.92 -21.28
C ASN A 53 -4.68 -21.97 -21.88
N GLY A 54 -4.71 -22.14 -23.21
CA GLY A 54 -3.77 -23.06 -23.84
C GLY A 54 -2.34 -22.56 -23.82
N GLY A 55 -2.15 -21.24 -23.88
CA GLY A 55 -0.83 -20.64 -23.81
C GLY A 55 -0.28 -20.15 -25.13
N GLY A 56 -0.90 -20.51 -26.25
CA GLY A 56 -0.39 -20.13 -27.54
C GLY A 56 -0.69 -18.72 -27.99
N SER A 57 -1.49 -17.98 -27.25
CA SER A 57 -1.85 -16.61 -27.59
C SER A 57 -1.44 -15.68 -26.46
N THR A 58 -0.60 -14.69 -26.79
CA THR A 58 -0.10 -13.71 -25.84
C THR A 58 -0.52 -12.31 -26.26
N TRP A 59 -0.50 -11.39 -25.31
CA TRP A 59 -0.81 -9.99 -25.55
C TRP A 59 0.01 -9.13 -24.60
N TYR A 60 0.59 -8.05 -25.12
CA TYR A 60 1.41 -7.17 -24.31
C TYR A 60 1.01 -5.72 -24.50
N ALA A 61 1.18 -4.94 -23.45
CA ALA A 61 0.96 -3.50 -23.54
C ALA A 61 2.16 -2.82 -24.20
N ASP A 62 1.91 -1.67 -24.82
CA ASP A 62 2.94 -1.01 -25.63
C ASP A 62 4.20 -0.74 -24.81
N SER A 63 4.04 -0.26 -23.57
CA SER A 63 5.17 0.07 -22.70
C SER A 63 6.04 -1.13 -22.40
N VAL A 64 5.60 -2.31 -22.80
CA VAL A 64 6.20 -3.56 -22.37
C VAL A 64 6.59 -4.45 -23.56
N LYS A 65 6.04 -4.23 -24.75
CA LYS A 65 6.35 -5.03 -25.93
C LYS A 65 7.86 -5.20 -26.13
N GLY A 66 8.27 -6.44 -26.40
CA GLY A 66 9.65 -6.74 -26.70
C GLY A 66 10.52 -7.05 -25.50
N ARG A 67 10.19 -6.51 -24.33
CA ARG A 67 11.00 -6.69 -23.14
C ARG A 67 10.48 -7.78 -22.20
N PHE A 68 9.16 -7.90 -22.04
CA PHE A 68 8.58 -8.90 -21.15
C PHE A 68 8.02 -10.06 -21.98
N THR A 69 7.88 -11.21 -21.31
CA THR A 69 7.34 -12.41 -21.92
C THR A 69 6.47 -13.10 -20.88
N ILE A 70 5.17 -13.25 -21.17
CA ILE A 70 4.28 -13.98 -20.28
C ILE A 70 4.32 -15.46 -20.65
N SER A 71 4.49 -16.31 -19.63
CA SER A 71 4.54 -17.75 -19.85
C SER A 71 3.52 -18.44 -18.95
N ARG A 72 3.29 -19.71 -19.23
CA ARG A 72 2.33 -20.50 -18.49
C ARG A 72 2.79 -21.95 -18.51
N GLU A 73 2.80 -22.59 -17.35
CA GLU A 73 3.06 -24.03 -17.20
C GLU A 73 1.84 -24.64 -16.53
N ASN A 74 0.98 -25.26 -17.35
CA ASN A 74 -0.23 -25.87 -16.82
C ASN A 74 0.03 -27.16 -16.06
N ALA A 75 1.15 -27.85 -16.37
CA ALA A 75 1.49 -29.05 -15.62
C ALA A 75 1.83 -28.76 -14.17
N LYS A 76 2.17 -27.52 -13.83
CA LYS A 76 2.45 -27.12 -12.47
C LYS A 76 1.63 -25.92 -12.02
N ASN A 77 0.66 -25.49 -12.82
CA ASN A 77 -0.25 -24.39 -12.46
C ASN A 77 0.50 -23.11 -12.13
N THR A 78 1.47 -22.76 -12.96
CA THR A 78 2.30 -21.61 -12.65
C THR A 78 2.30 -20.64 -13.81
N LEU A 79 2.07 -19.36 -13.50
CA LEU A 79 2.09 -18.27 -14.46
C LEU A 79 3.40 -17.52 -14.29
N TYR A 80 4.06 -17.20 -15.39
CA TYR A 80 5.35 -16.55 -15.36
C TYR A 80 5.31 -15.19 -16.03
N LEU A 81 6.12 -14.27 -15.52
CA LEU A 81 6.34 -12.99 -16.19
C LEU A 81 7.84 -12.73 -16.26
N GLN A 82 8.41 -12.90 -17.45
CA GLN A 82 9.82 -12.64 -17.67
C GLN A 82 10.04 -11.17 -18.03
N MET A 83 10.94 -10.52 -17.32
CA MET A 83 11.14 -9.08 -17.45
C MET A 83 12.62 -8.83 -17.75
N ASN A 84 12.91 -8.45 -18.99
CA ASN A 84 14.26 -8.13 -19.42
C ASN A 84 14.34 -6.66 -19.79
N SER A 85 15.57 -6.14 -19.84
CA SER A 85 15.81 -4.73 -20.15
C SER A 85 14.94 -3.83 -19.29
N LEU A 86 15.00 -4.06 -17.99
CA LEU A 86 14.19 -3.32 -17.04
C LEU A 86 14.57 -1.84 -17.01
N ARG A 87 13.56 -0.98 -16.98
CA ARG A 87 13.69 0.47 -16.87
C ARG A 87 13.19 0.92 -15.51
N ALA A 88 13.57 2.14 -15.13
CA ALA A 88 13.09 2.69 -13.88
C ALA A 88 11.56 2.77 -13.84
N GLU A 89 10.94 3.07 -14.97
CA GLU A 89 9.48 3.12 -15.02
C GLU A 89 8.83 1.76 -14.78
N ASP A 90 9.59 0.66 -14.84
CA ASP A 90 9.03 -0.64 -14.52
C ASP A 90 8.88 -0.89 -13.02
N THR A 91 9.35 0.04 -12.18
CA THR A 91 9.23 -0.09 -10.72
C THR A 91 7.77 0.00 -10.31
N ALA A 92 7.23 -1.09 -9.76
CA ALA A 92 5.81 -1.12 -9.43
C ALA A 92 5.50 -2.36 -8.63
N VAL A 93 4.26 -2.46 -8.16
CA VAL A 93 3.73 -3.68 -7.60
C VAL A 93 3.01 -4.44 -8.69
N TYR A 94 3.38 -5.71 -8.88
CA TYR A 94 2.83 -6.53 -9.94
C TYR A 94 1.85 -7.55 -9.38
N TYR A 95 0.70 -7.66 -10.03
CA TYR A 95 -0.37 -8.57 -9.69
C TYR A 95 -0.58 -9.55 -10.84
N CYS A 96 -0.85 -10.81 -10.52
CA CYS A 96 -1.51 -11.72 -11.45
C CYS A 96 -2.99 -11.69 -11.17
N ALA A 97 -3.77 -12.05 -12.18
CA ALA A 97 -5.22 -12.00 -12.07
C ALA A 97 -5.82 -13.06 -13.00
N ARG A 98 -6.81 -13.79 -12.47
CA ARG A 98 -7.54 -14.75 -13.27
C ARG A 98 -8.69 -14.06 -14.00
N GLU A 99 -8.89 -14.47 -15.24
CA GLU A 99 -9.97 -13.98 -16.08
C GLU A 99 -11.09 -15.02 -16.07
N ARG A 100 -12.32 -14.60 -15.79
CA ARG A 100 -13.40 -15.56 -15.60
C ARG A 100 -13.70 -16.33 -16.89
N TYR A 101 -14.27 -17.52 -16.73
CA TYR A 101 -14.63 -18.37 -17.86
C TYR A 101 -16.12 -18.22 -18.17
N CYS A 102 -16.44 -18.00 -19.46
CA CYS A 102 -17.82 -17.90 -19.94
C CYS A 102 -17.92 -18.52 -21.33
N SER A 103 -19.07 -19.13 -21.61
CA SER A 103 -19.30 -19.74 -22.93
C SER A 103 -20.78 -20.00 -23.21
N CYS A 107 -25.25 -7.34 -26.68
CA CYS A 107 -23.94 -7.97 -26.68
C CYS A 107 -23.29 -7.91 -25.31
N TYR A 108 -23.19 -9.06 -24.65
CA TYR A 108 -22.36 -9.17 -23.47
C TYR A 108 -21.63 -10.50 -23.41
N ALA A 109 -21.37 -11.11 -24.57
CA ALA A 109 -21.11 -12.55 -24.64
C ALA A 109 -19.92 -12.96 -23.77
N GLY A 110 -18.80 -12.26 -23.90
CA GLY A 110 -17.68 -12.52 -23.02
C GLY A 110 -17.62 -11.49 -21.91
N THR A 111 -17.95 -11.91 -20.68
CA THR A 111 -17.90 -10.98 -19.56
C THR A 111 -16.45 -10.73 -19.13
N LYS A 112 -15.68 -11.79 -18.92
CA LYS A 112 -14.22 -11.72 -18.98
C LYS A 112 -13.56 -10.88 -17.87
N TYR A 113 -14.26 -10.50 -16.80
CA TYR A 113 -13.63 -9.64 -15.80
C TYR A 113 -12.65 -10.44 -14.93
N PHE A 114 -11.89 -9.70 -14.12
CA PHE A 114 -10.84 -10.29 -13.29
C PHE A 114 -11.44 -10.79 -11.98
N ASP A 115 -11.51 -12.11 -11.83
CA ASP A 115 -12.25 -12.75 -10.75
C ASP A 115 -11.44 -12.79 -9.45
N TYR A 116 -10.17 -13.12 -9.54
CA TYR A 116 -9.31 -13.22 -8.37
C TYR A 116 -7.95 -12.62 -8.70
N TRP A 117 -7.32 -12.06 -7.68
CA TRP A 117 -6.03 -11.39 -7.82
C TRP A 117 -5.02 -12.03 -6.88
N GLY A 118 -3.74 -11.88 -7.23
CA GLY A 118 -2.67 -12.22 -6.33
C GLY A 118 -2.43 -11.12 -5.32
N GLN A 119 -1.52 -11.40 -4.39
CA GLN A 119 -1.25 -10.43 -3.34
C GLN A 119 -0.37 -9.27 -3.82
N GLY A 120 0.34 -9.44 -4.94
CA GLY A 120 1.22 -8.39 -5.43
C GLY A 120 2.66 -8.54 -4.93
N VAL A 121 3.61 -8.41 -5.84
CA VAL A 121 5.04 -8.43 -5.50
C VAL A 121 5.67 -7.16 -6.06
N LEU A 122 6.45 -6.48 -5.23
CA LEU A 122 7.08 -5.23 -5.65
C LEU A 122 8.38 -5.52 -6.39
N VAL A 123 8.50 -4.91 -7.57
CA VAL A 123 9.74 -4.90 -8.33
C VAL A 123 10.28 -3.48 -8.29
N THR A 124 11.56 -3.35 -7.98
CA THR A 124 12.24 -2.06 -7.91
C THR A 124 13.44 -2.10 -8.85
N VAL A 125 13.45 -1.21 -9.83
CA VAL A 125 14.55 -1.08 -10.77
C VAL A 125 15.39 0.12 -10.34
N SER A 126 16.68 -0.11 -10.08
CA SER A 126 17.56 0.91 -9.53
C SER A 126 19.01 0.44 -9.60
N SER A 127 19.92 1.39 -9.80
CA SER A 127 21.35 1.12 -9.73
C SER A 127 21.88 1.06 -8.31
N ALA A 128 21.08 1.46 -7.32
CA ALA A 128 21.53 1.45 -5.95
C ALA A 128 21.77 0.02 -5.47
N SER A 129 22.57 -0.10 -4.42
CA SER A 129 22.89 -1.39 -3.82
C SER A 129 21.85 -1.80 -2.80
N THR A 130 21.63 -3.11 -2.70
CA THR A 130 20.84 -3.65 -1.60
C THR A 130 21.51 -3.34 -0.27
N LYS A 131 20.73 -2.89 0.69
CA LYS A 131 21.23 -2.66 2.04
C LYS A 131 20.21 -3.17 3.04
N GLY A 132 20.64 -4.10 3.89
CA GLY A 132 19.80 -4.60 4.96
C GLY A 132 19.72 -3.61 6.11
N PRO A 133 18.63 -3.66 6.86
CA PRO A 133 18.44 -2.70 7.95
C PRO A 133 19.19 -3.07 9.22
N SER A 134 19.46 -2.05 10.02
CA SER A 134 19.77 -2.22 11.43
C SER A 134 18.45 -2.20 12.18
N VAL A 135 18.30 -3.08 13.17
CA VAL A 135 17.07 -3.16 13.96
C VAL A 135 17.40 -2.72 15.39
N PHE A 136 16.75 -1.66 15.84
CA PHE A 136 17.01 -1.14 17.17
C PHE A 136 15.74 -1.18 18.03
N PRO A 137 15.84 -1.53 19.30
CA PRO A 137 14.66 -1.44 20.16
C PRO A 137 14.32 0.02 20.45
N LEU A 138 13.02 0.30 20.51
CA LEU A 138 12.51 1.60 20.94
C LEU A 138 11.85 1.37 22.30
N ALA A 139 12.58 1.70 23.36
CA ALA A 139 12.08 1.38 24.69
C ALA A 139 11.51 2.62 25.36
N PRO A 140 10.42 2.45 26.12
CA PRO A 140 9.80 3.58 26.81
C PRO A 140 10.72 4.20 27.86
N SER A 141 10.28 5.34 28.40
CA SER A 141 11.08 6.17 29.30
C SER A 141 10.85 5.86 30.78
N SER A 142 10.23 4.72 31.10
CA SER A 142 9.93 4.22 32.44
C SER A 142 8.88 5.07 33.17
N ARG A 143 8.33 6.10 32.52
CA ARG A 143 7.24 6.87 33.07
C ARG A 143 5.88 6.37 32.60
N SER A 144 5.81 5.88 31.36
CA SER A 144 4.60 5.23 30.87
C SER A 144 4.43 3.83 31.43
N THR A 145 5.51 3.23 31.95
CA THR A 145 5.39 1.91 32.57
C THR A 145 4.69 2.02 33.93
N SER A 146 4.72 3.19 34.57
CA SER A 146 3.94 3.47 35.77
C SER A 146 2.59 4.09 35.45
N GLU A 147 2.23 4.18 34.17
CA GLU A 147 0.90 4.50 33.70
C GLU A 147 0.11 3.22 33.48
N SER A 148 -1.04 3.35 32.80
CA SER A 148 -1.85 2.19 32.49
C SER A 148 -1.47 1.53 31.18
N THR A 149 -0.86 2.26 30.25
CA THR A 149 -0.39 1.70 29.00
C THR A 149 1.07 2.07 28.76
N ALA A 150 1.76 1.22 28.02
CA ALA A 150 3.13 1.46 27.61
C ALA A 150 3.28 1.09 26.14
N ALA A 151 4.20 1.78 25.48
CA ALA A 151 4.42 1.62 24.04
C ALA A 151 5.82 1.11 23.81
N LEU A 152 5.94 -0.08 23.22
CA LEU A 152 7.19 -0.68 22.81
C LEU A 152 7.36 -0.50 21.31
N GLY A 153 8.61 -0.46 20.86
CA GLY A 153 8.85 -0.25 19.44
C GLY A 153 10.04 -1.00 18.90
N CYS A 154 10.06 -1.09 17.56
CA CYS A 154 11.23 -1.50 16.78
C CYS A 154 11.47 -0.46 15.71
N LEU A 155 12.74 -0.08 15.53
CA LEU A 155 13.20 0.81 14.48
C LEU A 155 13.95 -0.01 13.44
N VAL A 156 13.38 -0.13 12.25
CA VAL A 156 14.01 -0.79 11.12
C VAL A 156 14.66 0.31 10.28
N LYS A 157 15.99 0.47 10.41
CA LYS A 157 16.70 1.65 9.95
C LYS A 157 17.62 1.33 8.76
N ASP A 158 17.52 2.17 7.72
CA ASP A 158 18.49 2.26 6.60
C ASP A 158 18.57 0.97 5.75
N TYR A 159 17.43 0.60 5.17
CA TYR A 159 17.35 -0.51 4.21
C TYR A 159 16.92 0.04 2.85
N PHE A 160 17.64 -0.33 1.78
CA PHE A 160 17.23 0.28 0.52
C PHE A 160 16.05 -0.42 -0.15
N PRO A 161 16.10 -1.72 -0.46
CA PRO A 161 14.97 -2.30 -1.20
C PRO A 161 13.74 -2.45 -0.30
N GLU A 162 12.67 -1.78 -0.69
CA GLU A 162 11.35 -2.12 -0.16
C GLU A 162 10.95 -3.52 -0.65
N PRO A 163 10.17 -4.28 0.15
CA PRO A 163 9.58 -4.03 1.45
C PRO A 163 10.27 -4.68 2.64
N VAL A 164 9.73 -4.37 3.82
CA VAL A 164 10.12 -4.95 5.09
C VAL A 164 8.86 -5.40 5.80
N THR A 165 8.86 -6.62 6.31
CA THR A 165 7.75 -7.19 7.06
C THR A 165 8.05 -7.11 8.56
N VAL A 166 7.07 -6.63 9.33
CA VAL A 166 7.21 -6.60 10.78
C VAL A 166 6.04 -7.34 11.41
N SER A 167 6.36 -8.24 12.33
CA SER A 167 5.41 -8.93 13.17
C SER A 167 5.84 -8.75 14.63
N TRP A 168 5.02 -9.20 15.56
CA TRP A 168 5.34 -9.14 16.98
C TRP A 168 5.07 -10.49 17.61
N ASN A 169 6.07 -10.99 18.34
CA ASN A 169 5.98 -12.27 19.04
C ASN A 169 5.46 -13.37 18.12
N SER A 170 6.08 -13.47 16.93
CA SER A 170 5.80 -14.53 15.96
C SER A 170 4.36 -14.50 15.47
N GLY A 171 3.78 -13.31 15.34
CA GLY A 171 2.40 -13.17 14.91
C GLY A 171 1.37 -13.31 16.01
N SER A 172 1.77 -13.69 17.23
CA SER A 172 0.82 -13.92 18.30
C SER A 172 0.36 -12.63 18.99
N LEU A 173 1.01 -11.50 18.71
CA LEU A 173 0.60 -10.21 19.27
C LEU A 173 0.24 -9.30 18.10
N THR A 174 -1.06 -9.13 17.87
CA THR A 174 -1.55 -8.28 16.80
C THR A 174 -2.42 -7.13 17.27
N SER A 175 -3.09 -7.26 18.42
CA SER A 175 -3.97 -6.21 18.89
C SER A 175 -3.13 -5.05 19.43
N GLY A 176 -3.28 -3.88 18.83
CA GLY A 176 -2.55 -2.71 19.28
C GLY A 176 -1.20 -2.54 18.64
N VAL A 177 -1.08 -2.93 17.37
CA VAL A 177 0.13 -2.76 16.59
C VAL A 177 -0.08 -1.63 15.60
N HIS A 178 0.90 -0.75 15.49
CA HIS A 178 0.96 0.31 14.49
C HIS A 178 2.28 0.08 13.77
N THR A 179 2.23 -0.42 12.54
CA THR A 179 3.42 -0.45 11.70
C THR A 179 3.29 0.69 10.71
N PHE A 180 4.20 1.63 10.79
CA PHE A 180 4.16 2.89 10.07
C PHE A 180 4.83 2.73 8.71
N PRO A 181 4.23 3.35 7.69
CA PRO A 181 4.84 3.34 6.37
C PRO A 181 6.23 3.96 6.42
N ALA A 182 7.09 3.53 5.50
CA ALA A 182 8.51 3.89 5.55
C ALA A 182 8.74 5.34 5.12
N VAL A 183 9.77 5.94 5.69
CA VAL A 183 10.26 7.24 5.24
C VAL A 183 11.43 7.00 4.30
N LEU A 184 11.54 7.83 3.27
CA LEU A 184 12.64 7.78 2.32
C LEU A 184 13.52 8.99 2.57
N GLN A 185 14.67 8.77 3.21
CA GLN A 185 15.55 9.88 3.52
C GLN A 185 16.45 10.21 2.32
N SER A 186 17.08 11.38 2.39
CA SER A 186 17.85 11.91 1.25
C SER A 186 19.08 11.08 0.92
N SER A 187 19.43 10.11 1.76
CA SER A 187 20.49 9.15 1.45
C SER A 187 20.04 8.06 0.48
N GLY A 188 18.77 8.06 0.09
CA GLY A 188 18.23 7.01 -0.75
C GLY A 188 17.75 5.78 0.00
N LEU A 189 17.98 5.71 1.31
CA LEU A 189 17.60 4.55 2.10
C LEU A 189 16.24 4.78 2.77
N TYR A 190 15.60 3.68 3.12
CA TYR A 190 14.31 3.71 3.80
C TYR A 190 14.49 3.40 5.27
N SER A 191 13.49 3.77 6.05
CA SER A 191 13.41 3.48 7.47
C SER A 191 11.94 3.39 7.85
N LEU A 192 11.60 2.43 8.69
CA LEU A 192 10.26 2.35 9.21
C LEU A 192 10.33 1.99 10.69
N SER A 193 9.17 2.00 11.32
CA SER A 193 9.03 1.79 12.75
C SER A 193 7.72 1.09 13.04
N SER A 194 7.71 0.33 14.13
CA SER A 194 6.50 -0.36 14.56
C SER A 194 6.40 -0.24 16.07
N VAL A 195 5.19 0.02 16.57
CA VAL A 195 4.95 0.09 18.01
C VAL A 195 3.78 -0.79 18.39
N VAL A 196 3.91 -1.47 19.52
CA VAL A 196 2.80 -2.14 20.17
C VAL A 196 2.46 -1.34 21.42
N THR A 197 1.18 -0.98 21.56
CA THR A 197 0.65 -0.44 22.80
C THR A 197 0.09 -1.61 23.62
N VAL A 198 0.53 -1.71 24.87
CA VAL A 198 0.10 -2.79 25.75
C VAL A 198 -0.29 -2.18 27.12
N PRO A 199 -1.02 -2.95 27.93
CA PRO A 199 -1.17 -2.53 29.34
C PRO A 199 0.15 -2.67 30.08
N SER A 200 0.42 -1.70 30.96
CA SER A 200 1.68 -1.71 31.69
C SER A 200 1.86 -2.98 32.50
N SER A 201 0.76 -3.52 33.05
CA SER A 201 0.80 -4.79 33.76
C SER A 201 1.37 -5.90 32.90
N SER A 202 0.99 -5.94 31.61
CA SER A 202 1.51 -6.94 30.68
C SER A 202 3.02 -6.90 30.56
N LEU A 203 3.65 -5.77 30.95
CA LEU A 203 5.11 -5.69 30.90
C LEU A 203 5.76 -6.67 31.87
N GLY A 204 5.07 -7.03 32.94
CA GLY A 204 5.57 -8.04 33.86
C GLY A 204 5.15 -9.44 33.55
N THR A 205 4.32 -9.65 32.53
CA THR A 205 3.74 -10.95 32.23
C THR A 205 4.29 -11.60 30.97
N GLN A 206 4.72 -10.82 29.98
CA GLN A 206 5.31 -11.42 28.79
C GLN A 206 6.49 -10.58 28.32
N THR A 207 7.26 -11.16 27.42
CA THR A 207 8.35 -10.47 26.76
C THR A 207 7.90 -10.00 25.39
N TYR A 208 8.73 -9.17 24.77
CA TYR A 208 8.38 -8.52 23.52
C TYR A 208 9.57 -8.61 22.57
N VAL A 209 9.32 -9.18 21.40
CA VAL A 209 10.33 -9.34 20.36
C VAL A 209 9.65 -9.06 19.05
N CYS A 210 10.27 -8.25 18.20
CA CYS A 210 9.70 -7.94 16.90
C CYS A 210 10.40 -8.78 15.84
N ASN A 211 9.61 -9.23 14.89
CA ASN A 211 10.09 -10.07 13.80
C ASN A 211 10.20 -9.18 12.57
N VAL A 212 11.44 -8.83 12.21
CA VAL A 212 11.72 -7.96 11.08
C VAL A 212 12.33 -8.81 9.98
N ASN A 213 11.71 -8.82 8.81
CA ASN A 213 12.18 -9.60 7.67
C ASN A 213 12.33 -8.67 6.49
N HIS A 214 13.55 -8.55 5.98
CA HIS A 214 13.88 -7.82 4.77
C HIS A 214 14.45 -8.85 3.80
N LYS A 215 13.60 -9.38 2.95
CA LYS A 215 14.01 -10.48 2.08
C LYS A 215 15.05 -10.06 1.04
N PRO A 216 14.95 -8.88 0.41
CA PRO A 216 15.95 -8.52 -0.61
C PRO A 216 17.39 -8.59 -0.12
N SER A 217 17.64 -8.43 1.17
CA SER A 217 18.98 -8.51 1.72
C SER A 217 19.20 -9.78 2.54
N ASN A 218 18.21 -10.68 2.57
CA ASN A 218 18.27 -11.88 3.40
C ASN A 218 18.55 -11.51 4.86
N THR A 219 17.82 -10.51 5.36
CA THR A 219 18.00 -10.01 6.72
C THR A 219 16.73 -10.33 7.51
N LYS A 220 16.78 -11.38 8.31
CA LYS A 220 15.69 -11.73 9.21
C LYS A 220 16.21 -11.63 10.64
N VAL A 221 15.66 -10.68 11.41
CA VAL A 221 16.10 -10.42 12.77
C VAL A 221 14.89 -10.43 13.69
N ASP A 222 15.01 -11.13 14.82
CA ASP A 222 14.02 -11.13 15.90
C ASP A 222 14.63 -10.36 17.06
N LYS A 223 14.17 -9.13 17.27
CA LYS A 223 14.79 -8.22 18.23
C LYS A 223 14.00 -8.19 19.53
N ARG A 224 14.67 -8.56 20.62
CA ARG A 224 14.08 -8.42 21.94
C ARG A 224 14.06 -6.97 22.38
N VAL A 225 12.93 -6.53 22.88
CA VAL A 225 12.76 -5.18 23.41
C VAL A 225 12.53 -5.34 24.89
N GLU A 226 13.55 -5.01 25.71
CA GLU A 226 13.40 -5.00 27.15
C GLU A 226 13.26 -3.55 27.63
N ILE A 227 12.56 -3.37 28.76
CA ILE A 227 12.29 -2.05 29.30
C ILE A 227 13.27 -1.73 30.43
N GLN B 1 -5.71 5.68 -28.93
CA GLN B 1 -6.05 4.55 -28.07
C GLN B 1 -7.26 4.90 -27.20
N PRO B 2 -8.09 3.91 -26.87
CA PRO B 2 -9.23 4.16 -25.98
C PRO B 2 -8.76 4.69 -24.63
N VAL B 3 -9.51 5.64 -24.09
CA VAL B 3 -9.19 6.24 -22.80
C VAL B 3 -10.43 6.27 -21.93
N LEU B 4 -10.30 5.76 -20.70
CA LEU B 4 -11.33 5.88 -19.67
C LEU B 4 -10.93 7.01 -18.73
N THR B 5 -11.77 8.04 -18.64
CA THR B 5 -11.45 9.21 -17.84
C THR B 5 -12.25 9.18 -16.55
N GLN B 6 -11.55 9.23 -15.42
CA GLN B 6 -12.11 9.27 -14.08
C GLN B 6 -11.55 10.44 -13.31
N PRO B 7 -12.34 11.04 -12.42
CA PRO B 7 -11.82 12.07 -11.54
C PRO B 7 -10.90 11.48 -10.49
N PRO B 8 -9.72 12.09 -10.28
CA PRO B 8 -8.79 11.52 -9.28
C PRO B 8 -9.39 11.45 -7.90
N SER B 9 -10.26 12.38 -7.56
CA SER B 9 -10.81 12.50 -6.22
C SER B 9 -12.28 12.89 -6.30
N LEU B 10 -13.07 12.34 -5.37
CA LEU B 10 -14.50 12.64 -5.33
C LEU B 10 -14.99 12.38 -3.90
N SER B 11 -15.64 13.37 -3.31
CA SER B 11 -16.16 13.28 -1.95
C SER B 11 -17.68 13.35 -1.98
N ALA B 12 -18.34 12.58 -1.11
CA ALA B 12 -19.79 12.58 -1.03
C ALA B 12 -20.22 12.53 0.43
N SER B 13 -21.49 12.95 0.68
CA SER B 13 -22.05 13.00 2.03
C SER B 13 -22.45 11.60 2.52
N PRO B 14 -22.33 11.36 3.81
CA PRO B 14 -22.81 10.08 4.37
C PRO B 14 -24.32 9.96 4.24
N GLY B 15 -24.77 8.72 4.05
CA GLY B 15 -26.18 8.45 3.88
C GLY B 15 -26.75 8.86 2.55
N ALA B 16 -25.92 9.28 1.61
CA ALA B 16 -26.33 9.73 0.29
C ALA B 16 -25.66 8.86 -0.76
N SER B 17 -26.10 9.02 -2.01
CA SER B 17 -25.54 8.25 -3.11
C SER B 17 -24.32 8.93 -3.67
N ALA B 18 -23.31 8.14 -3.99
CA ALA B 18 -22.12 8.60 -4.68
C ALA B 18 -22.22 8.19 -6.15
N ARG B 19 -21.96 9.14 -7.05
CA ARG B 19 -22.02 8.90 -8.50
C ARG B 19 -20.62 9.02 -9.06
N LEU B 20 -19.94 7.87 -9.22
CA LEU B 20 -18.57 7.87 -9.73
C LEU B 20 -18.59 7.81 -11.24
N PRO B 21 -18.16 8.87 -11.94
CA PRO B 21 -18.20 8.86 -13.41
C PRO B 21 -16.97 8.22 -14.04
N CYS B 22 -17.20 7.65 -15.22
CA CYS B 22 -16.16 7.08 -16.06
C CYS B 22 -16.55 7.39 -17.50
N THR B 23 -15.94 8.43 -18.06
CA THR B 23 -16.27 8.85 -19.41
C THR B 23 -15.34 8.14 -20.40
N LEU B 24 -15.94 7.49 -21.40
CA LEU B 24 -15.20 6.82 -22.44
C LEU B 24 -14.90 7.79 -23.58
N SER B 25 -13.78 7.55 -24.26
CA SER B 25 -13.40 8.36 -25.40
C SER B 25 -14.31 8.06 -26.59
N SER B 26 -14.30 8.97 -27.56
CA SER B 26 -15.22 8.86 -28.69
C SER B 26 -15.05 7.55 -29.45
N ASP B 27 -13.90 6.89 -29.33
CA ASP B 27 -13.66 5.59 -29.95
C ASP B 27 -14.63 4.52 -29.48
N LEU B 28 -15.19 4.64 -28.28
CA LEU B 28 -16.04 3.61 -27.71
C LEU B 28 -17.44 4.16 -27.48
N SER B 29 -18.39 3.23 -27.34
CA SER B 29 -19.79 3.56 -27.08
C SER B 29 -20.21 2.83 -25.81
N VAL B 30 -20.57 3.58 -24.78
CA VAL B 30 -20.86 2.98 -23.48
C VAL B 30 -22.01 1.99 -23.58
N GLY B 31 -23.04 2.32 -24.36
CA GLY B 31 -24.19 1.44 -24.45
C GLY B 31 -23.84 0.02 -24.82
N SER B 32 -22.71 -0.19 -25.52
CA SER B 32 -22.33 -1.49 -26.06
C SER B 32 -21.04 -2.04 -25.44
N LYS B 33 -20.73 -1.65 -24.20
CA LYS B 33 -19.52 -2.10 -23.52
C LYS B 33 -19.86 -2.73 -22.18
N ASN B 34 -19.19 -3.83 -21.84
CA ASN B 34 -19.21 -4.34 -20.48
C ASN B 34 -18.29 -3.50 -19.62
N MET B 35 -18.85 -2.87 -18.59
CA MET B 35 -18.09 -2.07 -17.64
C MET B 35 -17.69 -2.92 -16.45
N TYR B 36 -16.42 -2.87 -16.06
CA TYR B 36 -15.94 -3.58 -14.88
C TYR B 36 -15.38 -2.55 -13.91
N TRP B 37 -15.94 -2.52 -12.70
CA TRP B 37 -15.46 -1.65 -11.62
C TRP B 37 -14.77 -2.51 -10.57
N TYR B 38 -13.59 -2.08 -10.16
CA TYR B 38 -12.81 -2.74 -9.13
C TYR B 38 -12.60 -1.81 -7.94
N GLN B 39 -12.56 -2.40 -6.76
CA GLN B 39 -12.36 -1.64 -5.53
C GLN B 39 -10.99 -2.00 -4.96
N GLN B 40 -10.23 -0.99 -4.54
CA GLN B 40 -8.94 -1.21 -3.92
C GLN B 40 -8.83 -0.34 -2.68
N LYS B 41 -8.60 -0.98 -1.54
CA LYS B 41 -8.31 -0.33 -0.28
C LYS B 41 -6.80 -0.33 -0.04
N PRO B 42 -6.30 0.58 0.78
CA PRO B 42 -4.85 0.67 1.01
C PRO B 42 -4.27 -0.64 1.52
N GLY B 43 -3.17 -1.06 0.90
CA GLY B 43 -2.43 -2.22 1.34
C GLY B 43 -2.97 -3.55 0.83
N SER B 44 -4.00 -3.54 0.01
CA SER B 44 -4.56 -4.78 -0.51
C SER B 44 -4.64 -4.72 -2.03
N ALA B 45 -4.86 -5.87 -2.63
CA ALA B 45 -5.05 -5.98 -4.06
C ALA B 45 -6.44 -5.49 -4.45
N PRO B 46 -6.64 -5.11 -5.71
CA PRO B 46 -7.98 -4.76 -6.17
C PRO B 46 -8.88 -5.99 -6.14
N ARG B 47 -10.17 -5.74 -5.93
CA ARG B 47 -11.21 -6.76 -5.95
C ARG B 47 -12.31 -6.31 -6.90
N LEU B 48 -12.94 -7.28 -7.56
CA LEU B 48 -14.04 -6.98 -8.46
C LEU B 48 -15.21 -6.42 -7.68
N PHE B 49 -15.62 -5.20 -8.04
CA PHE B 49 -16.70 -4.51 -7.34
C PHE B 49 -18.03 -4.63 -8.08
N LEU B 50 -18.09 -4.19 -9.33
CA LEU B 50 -19.37 -4.24 -10.04
C LEU B 50 -19.14 -4.46 -11.53
N TYR B 51 -19.72 -5.53 -12.07
CA TYR B 51 -19.86 -5.69 -13.51
C TYR B 51 -21.20 -5.12 -13.94
N TYR B 52 -21.18 -4.18 -14.88
CA TYR B 52 -22.40 -3.54 -15.35
C TYR B 52 -22.36 -3.42 -16.87
N TYR B 53 -23.31 -4.06 -17.54
CA TYR B 53 -23.63 -3.75 -18.91
C TYR B 53 -24.91 -2.93 -19.01
N SER B 54 -26.01 -3.44 -18.45
CA SER B 54 -27.30 -2.78 -18.48
C SER B 54 -28.02 -3.09 -17.18
N ASP B 55 -29.25 -2.56 -17.05
CA ASP B 55 -30.00 -2.70 -15.81
C ASP B 55 -30.33 -4.16 -15.52
N SER B 56 -30.62 -4.94 -16.56
CA SER B 56 -30.90 -6.36 -16.39
C SER B 56 -29.66 -7.23 -16.44
N ASP B 57 -28.47 -6.64 -16.62
CA ASP B 57 -27.25 -7.42 -16.75
C ASP B 57 -26.18 -6.91 -15.79
N LYS B 58 -26.57 -6.75 -14.52
CA LYS B 58 -25.65 -6.43 -13.45
C LYS B 58 -24.97 -7.70 -12.92
N GLN B 59 -23.93 -7.50 -12.11
CA GLN B 59 -23.35 -8.58 -11.32
C GLN B 59 -22.47 -7.94 -10.26
N LEU B 60 -22.87 -8.07 -8.99
CA LEU B 60 -22.08 -7.55 -7.88
C LEU B 60 -20.95 -8.51 -7.55
N GLY B 61 -19.81 -7.95 -7.14
CA GLY B 61 -18.69 -8.74 -6.70
C GLY B 61 -19.00 -9.48 -5.42
N PRO B 62 -18.26 -10.57 -5.17
CA PRO B 62 -18.49 -11.34 -3.94
C PRO B 62 -18.17 -10.52 -2.70
N GLY B 63 -19.18 -10.39 -1.83
CA GLY B 63 -19.04 -9.59 -0.62
C GLY B 63 -19.40 -8.13 -0.78
N VAL B 64 -19.91 -7.73 -1.94
CA VAL B 64 -20.27 -6.33 -2.20
C VAL B 64 -21.74 -6.14 -1.84
N PRO B 65 -22.09 -5.11 -1.09
CA PRO B 65 -23.49 -4.93 -0.67
C PRO B 65 -24.40 -4.61 -1.85
N ASN B 66 -25.69 -4.69 -1.56
CA ASN B 66 -26.72 -4.38 -2.54
C ASN B 66 -26.88 -2.88 -2.77
N ARG B 67 -26.24 -2.05 -1.93
CA ARG B 67 -26.32 -0.59 -2.03
C ARG B 67 -25.68 -0.06 -3.30
N VAL B 68 -24.83 -0.83 -3.96
CA VAL B 68 -24.15 -0.36 -5.14
C VAL B 68 -24.89 -0.82 -6.38
N SER B 69 -24.70 -0.08 -7.47
CA SER B 69 -25.36 -0.33 -8.75
C SER B 69 -24.59 0.43 -9.81
N GLY B 70 -25.07 0.36 -11.05
CA GLY B 70 -24.44 1.03 -12.16
C GLY B 70 -25.45 1.80 -13.00
N SER B 71 -24.93 2.60 -13.91
CA SER B 71 -25.80 3.35 -14.82
C SER B 71 -24.99 3.76 -16.04
N LYS B 72 -25.70 4.19 -17.09
CA LYS B 72 -25.07 4.68 -18.31
C LYS B 72 -25.80 5.90 -18.84
N GLU B 73 -25.02 6.93 -19.18
CA GLU B 73 -25.50 8.16 -19.83
C GLU B 73 -24.91 8.17 -21.24
N THR B 74 -25.71 7.79 -22.23
CA THR B 74 -25.22 7.60 -23.58
C THR B 74 -24.95 8.93 -24.28
N SER B 75 -25.64 9.99 -23.90
CA SER B 75 -25.38 11.33 -24.43
C SER B 75 -24.09 11.94 -23.88
N SER B 76 -23.51 11.35 -22.84
CA SER B 76 -22.20 11.74 -22.34
C SER B 76 -21.13 10.70 -22.60
N ASN B 77 -21.52 9.53 -23.12
CA ASN B 77 -20.62 8.39 -23.22
C ASN B 77 -19.98 8.07 -21.87
N THR B 78 -20.80 8.09 -20.82
CA THR B 78 -20.29 7.96 -19.47
C THR B 78 -20.97 6.80 -18.76
N ALA B 79 -20.18 5.97 -18.08
CA ALA B 79 -20.70 4.96 -17.17
C ALA B 79 -20.58 5.46 -15.74
N PHE B 80 -21.49 5.00 -14.88
CA PHE B 80 -21.60 5.49 -13.52
C PHE B 80 -21.59 4.34 -12.54
N LEU B 81 -20.78 4.47 -11.48
CA LEU B 81 -20.79 3.58 -10.32
C LEU B 81 -21.55 4.28 -9.20
N LEU B 82 -22.74 3.80 -8.89
CA LEU B 82 -23.60 4.42 -7.89
C LEU B 82 -23.51 3.66 -6.58
N ILE B 83 -23.23 4.37 -5.49
CA ILE B 83 -23.10 3.75 -4.17
C ILE B 83 -24.02 4.55 -3.23
N SER B 84 -25.23 4.05 -3.02
CA SER B 84 -26.15 4.66 -2.08
C SER B 84 -25.84 4.20 -0.65
N GLY B 85 -26.44 4.88 0.32
CA GLY B 85 -26.24 4.57 1.72
C GLY B 85 -24.77 4.61 2.10
N LEU B 86 -24.09 5.69 1.72
CA LEU B 86 -22.64 5.75 1.80
C LEU B 86 -22.16 5.75 3.25
N GLN B 87 -21.18 4.91 3.54
CA GLN B 87 -20.61 4.73 4.86
C GLN B 87 -19.10 4.91 4.81
N PRO B 88 -18.45 5.11 5.95
CA PRO B 88 -16.98 5.16 5.94
C PRO B 88 -16.33 3.91 5.38
N GLU B 89 -16.99 2.76 5.47
CA GLU B 89 -16.47 1.52 4.91
C GLU B 89 -16.24 1.64 3.39
N ASP B 90 -16.97 2.53 2.72
CA ASP B 90 -16.90 2.64 1.27
C ASP B 90 -15.75 3.53 0.78
N GLU B 91 -14.92 4.08 1.68
CA GLU B 91 -13.77 4.88 1.27
C GLU B 91 -12.70 3.96 0.67
N ALA B 92 -12.43 4.12 -0.62
CA ALA B 92 -11.49 3.27 -1.35
C ALA B 92 -11.16 3.96 -2.67
N ASP B 93 -10.33 3.30 -3.46
CA ASP B 93 -10.08 3.69 -4.84
C ASP B 93 -10.92 2.79 -5.75
N TYR B 94 -11.60 3.39 -6.71
CA TYR B 94 -12.46 2.63 -7.61
C TYR B 94 -11.95 2.79 -9.03
N TYR B 95 -11.69 1.67 -9.68
CA TYR B 95 -11.13 1.64 -11.01
C TYR B 95 -12.17 1.16 -12.00
N CYS B 96 -12.32 1.91 -13.08
CA CYS B 96 -13.16 1.57 -14.22
C CYS B 96 -12.30 0.86 -15.26
N GLN B 97 -12.86 -0.16 -15.92
CA GLN B 97 -12.10 -0.97 -16.86
C GLN B 97 -13.00 -1.51 -17.96
N VAL B 98 -12.46 -1.52 -19.18
CA VAL B 98 -13.11 -2.18 -20.33
C VAL B 98 -12.06 -2.93 -21.14
N TYR B 99 -12.55 -3.79 -22.03
CA TYR B 99 -11.73 -4.53 -22.98
C TYR B 99 -11.94 -3.99 -24.39
N ASP B 100 -10.84 -3.89 -25.15
CA ASP B 100 -10.84 -3.49 -26.55
C ASP B 100 -9.83 -4.32 -27.31
N SER B 101 -10.22 -4.72 -28.52
CA SER B 101 -9.42 -5.60 -29.36
C SER B 101 -8.06 -4.99 -29.69
N SER B 102 -7.95 -3.68 -29.71
CA SER B 102 -6.68 -3.01 -29.97
C SER B 102 -5.82 -2.92 -28.71
N ALA B 103 -6.40 -2.39 -27.64
CA ALA B 103 -5.66 -2.10 -26.40
C ALA B 103 -6.15 -2.96 -25.24
N ASN B 104 -6.08 -4.28 -25.37
CA ASN B 104 -6.99 -5.23 -24.73
C ASN B 104 -7.57 -4.76 -23.41
N TRP B 105 -6.77 -4.58 -22.36
CA TRP B 105 -7.32 -4.15 -21.08
C TRP B 105 -7.01 -2.67 -20.88
N VAL B 106 -8.06 -1.87 -20.68
CA VAL B 106 -7.92 -0.44 -20.47
C VAL B 106 -8.55 -0.09 -19.12
N PHE B 107 -7.74 0.46 -18.22
CA PHE B 107 -8.16 0.91 -16.92
C PHE B 107 -8.36 2.43 -16.94
N GLY B 108 -9.35 2.88 -16.17
CA GLY B 108 -9.42 4.29 -15.86
C GLY B 108 -8.38 4.66 -14.82
N GLY B 109 -8.18 5.97 -14.66
CA GLY B 109 -7.16 6.46 -13.75
C GLY B 109 -7.45 6.19 -12.28
N GLY B 110 -8.69 5.83 -11.94
CA GLY B 110 -9.09 5.56 -10.59
C GLY B 110 -9.62 6.80 -9.90
N THR B 111 -10.55 6.59 -8.95
CA THR B 111 -11.15 7.67 -8.18
C THR B 111 -11.04 7.33 -6.70
N ARG B 112 -10.39 8.20 -5.92
CA ARG B 112 -10.42 8.08 -4.46
C ARG B 112 -11.74 8.61 -3.94
N LEU B 113 -12.53 7.74 -3.32
CA LEU B 113 -13.82 8.13 -2.78
C LEU B 113 -13.64 8.55 -1.33
N THR B 114 -14.10 9.76 -1.00
CA THR B 114 -14.05 10.29 0.34
C THR B 114 -15.47 10.43 0.87
N VAL B 115 -15.72 9.89 2.05
CA VAL B 115 -16.98 10.06 2.75
C VAL B 115 -16.80 11.19 3.77
N LEU B 116 -17.66 12.20 3.66
CA LEU B 116 -17.53 13.40 4.49
C LEU B 116 -18.18 13.20 5.86
N GLY B 117 -17.92 14.15 6.74
CA GLY B 117 -18.55 14.17 8.05
C GLY B 117 -17.92 13.26 9.09
N GLN B 118 -16.77 12.68 8.82
CA GLN B 118 -16.12 11.86 9.84
C GLN B 118 -15.62 12.75 10.95
N PRO B 119 -15.71 12.31 12.20
CA PRO B 119 -15.28 13.16 13.32
C PRO B 119 -13.80 13.47 13.24
N LYS B 120 -13.46 14.71 13.56
CA LYS B 120 -12.07 15.11 13.73
C LYS B 120 -11.45 14.40 14.92
N ALA B 121 -10.15 14.14 14.83
CA ALA B 121 -9.44 13.39 15.85
C ALA B 121 -8.04 13.95 16.01
N ALA B 122 -7.65 14.21 17.26
CA ALA B 122 -6.33 14.77 17.51
C ALA B 122 -5.24 13.71 17.32
N PRO B 123 -4.05 14.12 16.91
CA PRO B 123 -2.96 13.15 16.75
C PRO B 123 -2.49 12.61 18.09
N SER B 124 -2.24 11.31 18.12
CA SER B 124 -1.59 10.63 19.23
C SER B 124 -0.11 10.53 18.92
N VAL B 125 0.72 11.08 19.81
CA VAL B 125 2.14 11.31 19.55
C VAL B 125 2.98 10.49 20.51
N THR B 126 3.99 9.81 19.96
CA THR B 126 4.92 9.03 20.76
C THR B 126 6.34 9.36 20.31
N LEU B 127 7.16 9.84 21.23
CA LEU B 127 8.55 10.16 20.96
C LEU B 127 9.45 9.14 21.62
N PHE B 128 10.38 8.57 20.84
CA PHE B 128 11.36 7.62 21.34
C PHE B 128 12.74 8.20 21.20
N PRO B 129 13.60 8.07 22.23
CA PRO B 129 14.99 8.46 22.13
C PRO B 129 15.81 7.42 21.39
N PRO B 130 17.05 7.72 21.02
CA PRO B 130 17.90 6.71 20.39
C PRO B 130 18.16 5.54 21.32
N SER B 131 18.34 4.36 20.74
CA SER B 131 18.68 3.21 21.54
C SER B 131 20.15 3.23 21.94
N SER B 132 20.49 2.44 22.96
CA SER B 132 21.89 2.30 23.37
C SER B 132 22.73 1.70 22.25
N GLU B 133 22.23 0.66 21.59
CA GLU B 133 22.96 0.03 20.50
C GLU B 133 23.27 1.02 19.38
N GLU B 134 22.34 1.93 19.12
CA GLU B 134 22.60 2.95 18.10
C GLU B 134 23.66 3.92 18.56
N LEU B 135 23.62 4.31 19.84
CA LEU B 135 24.61 5.22 20.38
C LEU B 135 26.01 4.62 20.30
N GLN B 136 26.13 3.32 20.59
CA GLN B 136 27.42 2.66 20.48
C GLN B 136 27.96 2.67 19.06
N ALA B 137 27.08 2.83 18.06
CA ALA B 137 27.51 2.96 16.67
C ALA B 137 27.77 4.40 16.26
N ASN B 138 27.80 5.32 17.22
CA ASN B 138 28.06 6.75 17.03
C ASN B 138 26.91 7.47 16.32
N LYS B 139 25.71 6.91 16.34
CA LYS B 139 24.55 7.53 15.72
C LYS B 139 23.41 7.63 16.73
N ALA B 140 22.42 8.44 16.40
CA ALA B 140 21.27 8.64 17.29
C ALA B 140 20.09 9.10 16.45
N THR B 141 19.06 8.26 16.35
CA THR B 141 17.84 8.63 15.63
C THR B 141 16.70 8.78 16.62
N LEU B 142 16.11 9.96 16.66
CA LEU B 142 14.90 10.21 17.42
C LEU B 142 13.70 9.88 16.56
N VAL B 143 12.73 9.20 17.13
CA VAL B 143 11.62 8.69 16.34
C VAL B 143 10.33 9.25 16.90
N CYS B 144 9.53 9.88 16.06
CA CYS B 144 8.27 10.48 16.47
C CYS B 144 7.14 9.88 15.64
N LEU B 145 6.23 9.18 16.30
CA LEU B 145 5.13 8.46 15.66
C LEU B 145 3.82 9.16 15.96
N ILE B 146 3.04 9.43 14.92
CA ILE B 146 1.82 10.24 14.98
C ILE B 146 0.68 9.43 14.39
N SER B 147 -0.36 9.17 15.18
CA SER B 147 -1.40 8.26 14.73
C SER B 147 -2.79 8.79 15.09
N ASP B 148 -3.78 8.28 14.35
CA ASP B 148 -5.20 8.45 14.67
C ASP B 148 -5.63 9.91 14.63
N PHE B 149 -5.13 10.66 13.64
CA PHE B 149 -5.59 12.02 13.45
C PHE B 149 -6.44 12.13 12.19
N TYR B 150 -7.37 13.08 12.23
CA TYR B 150 -8.27 13.32 11.14
C TYR B 150 -8.63 14.80 11.20
N PRO B 151 -8.52 15.55 10.09
CA PRO B 151 -8.09 15.18 8.73
C PRO B 151 -6.59 14.87 8.64
N GLY B 152 -6.16 14.42 7.45
CA GLY B 152 -4.80 13.96 7.25
C GLY B 152 -3.81 15.07 6.91
N ALA B 153 -3.73 16.06 7.78
CA ALA B 153 -2.82 17.20 7.58
C ALA B 153 -2.20 17.53 8.93
N VAL B 154 -0.90 17.28 9.06
CA VAL B 154 -0.13 17.65 10.24
C VAL B 154 1.14 18.33 9.76
N GLU B 155 1.81 18.99 10.69
CA GLU B 155 3.15 19.49 10.40
C GLU B 155 3.98 19.27 11.65
N VAL B 156 5.21 18.79 11.46
CA VAL B 156 6.08 18.44 12.58
C VAL B 156 7.21 19.45 12.66
N ALA B 157 7.57 19.81 13.88
CA ALA B 157 8.70 20.68 14.16
C ALA B 157 9.51 20.04 15.27
N TRP B 158 10.83 20.02 15.11
CA TRP B 158 11.73 19.47 16.12
C TRP B 158 12.42 20.58 16.88
N LYS B 159 12.62 20.37 18.17
CA LYS B 159 13.34 21.32 18.99
C LYS B 159 14.39 20.59 19.83
N ALA B 160 15.49 21.29 20.07
CA ALA B 160 16.56 20.84 20.94
C ALA B 160 16.80 21.95 21.94
N ASP B 161 16.48 21.71 23.21
CA ASP B 161 16.53 22.73 24.25
C ASP B 161 15.72 23.96 23.85
N GLY B 162 14.57 23.71 23.20
CA GLY B 162 13.71 24.77 22.73
C GLY B 162 14.09 25.38 21.40
N SER B 163 15.30 25.12 20.93
CA SER B 163 15.79 25.73 19.69
C SER B 163 15.37 24.91 18.49
N ALA B 164 14.96 25.58 17.42
CA ALA B 164 14.48 24.89 16.23
C ALA B 164 15.60 24.07 15.59
N VAL B 165 15.26 22.87 15.15
CA VAL B 165 16.18 21.97 14.46
C VAL B 165 15.79 21.95 12.99
N ASN B 166 16.77 22.13 12.10
CA ASN B 166 16.55 22.15 10.66
C ASN B 166 17.22 20.99 9.93
N ALA B 167 18.39 20.54 10.36
CA ALA B 167 19.10 19.49 9.66
C ALA B 167 18.76 18.12 10.24
N GLY B 168 18.71 17.11 9.37
CA GLY B 168 18.51 15.75 9.82
C GLY B 168 17.08 15.38 10.15
N VAL B 169 16.08 16.08 9.63
CA VAL B 169 14.68 15.77 9.86
C VAL B 169 14.09 15.22 8.57
N GLU B 170 13.37 14.09 8.67
CA GLU B 170 12.69 13.49 7.53
C GLU B 170 11.32 13.01 7.98
N THR B 171 10.26 13.57 7.38
CA THR B 171 8.89 13.31 7.79
C THR B 171 8.10 12.66 6.66
N THR B 172 7.30 11.64 6.99
CA THR B 172 6.43 11.01 6.01
C THR B 172 5.18 11.85 5.76
N LYS B 173 4.66 11.75 4.55
CA LYS B 173 3.30 12.21 4.28
C LYS B 173 2.32 11.36 5.07
N PRO B 174 1.12 11.88 5.36
CA PRO B 174 0.14 11.08 6.10
C PRO B 174 -0.37 9.92 5.26
N SER B 175 -0.79 8.87 5.94
CA SER B 175 -1.27 7.66 5.29
C SER B 175 -2.57 7.22 5.95
N LYS B 176 -3.50 6.75 5.12
CA LYS B 176 -4.75 6.19 5.62
C LYS B 176 -4.48 4.93 6.42
N GLN B 177 -5.22 4.78 7.51
CA GLN B 177 -5.19 3.58 8.32
C GLN B 177 -6.41 2.72 8.00
N SER B 178 -6.55 1.62 8.75
CA SER B 178 -7.70 0.75 8.61
C SER B 178 -8.98 1.43 9.08
N ASN B 179 -8.88 2.31 10.08
CA ASN B 179 -10.02 3.04 10.62
C ASN B 179 -10.20 4.41 9.97
N ASN B 180 -9.65 4.61 8.77
CA ASN B 180 -9.81 5.83 7.99
C ASN B 180 -9.23 7.07 8.66
N LYS B 181 -8.55 6.90 9.78
CA LYS B 181 -7.73 7.99 10.29
C LYS B 181 -6.35 7.90 9.67
N TYR B 182 -5.49 8.86 9.96
CA TYR B 182 -4.22 8.93 9.28
C TYR B 182 -3.08 8.67 10.25
N ALA B 183 -1.93 8.33 9.68
CA ALA B 183 -0.70 8.12 10.43
C ALA B 183 0.44 8.80 9.68
N ALA B 184 1.46 9.20 10.43
CA ALA B 184 2.63 9.86 9.90
C ALA B 184 3.77 9.65 10.89
N SER B 185 4.99 9.82 10.41
CA SER B 185 6.17 9.64 11.24
C SER B 185 7.25 10.63 10.82
N SER B 186 8.03 11.05 11.82
CA SER B 186 9.13 11.98 11.60
C SER B 186 10.36 11.44 12.30
N TYR B 187 11.52 11.58 11.64
CA TYR B 187 12.78 11.05 12.11
C TYR B 187 13.79 12.19 12.25
N LEU B 188 14.50 12.22 13.37
CA LEU B 188 15.59 13.17 13.57
C LEU B 188 16.89 12.37 13.60
N SER B 189 17.67 12.46 12.52
CA SER B 189 18.95 11.77 12.42
C SER B 189 20.05 12.69 12.94
N LEU B 190 20.77 12.21 13.97
CA LEU B 190 21.84 12.95 14.61
C LEU B 190 23.02 12.04 14.83
N THR B 191 24.17 12.63 15.10
CA THR B 191 25.27 11.82 15.57
C THR B 191 25.18 11.67 17.09
N SER B 192 26.01 10.78 17.63
CA SER B 192 25.96 10.51 19.06
C SER B 192 26.41 11.71 19.88
N ASP B 193 27.33 12.52 19.34
CA ASP B 193 27.80 13.70 20.05
C ASP B 193 26.80 14.85 19.99
N GLN B 194 26.01 14.93 18.93
CA GLN B 194 24.92 15.90 18.88
C GLN B 194 23.88 15.60 19.96
N TRP B 195 23.43 14.35 20.01
CA TRP B 195 22.72 13.84 21.17
C TRP B 195 23.62 13.94 22.40
N LYS B 196 22.98 14.01 23.57
CA LYS B 196 23.68 14.05 24.86
C LYS B 196 24.41 15.38 25.04
N SER B 197 24.42 16.22 24.01
CA SER B 197 24.90 17.59 24.13
C SER B 197 23.78 18.58 24.38
N HIS B 198 22.54 18.11 24.53
CA HIS B 198 21.41 18.95 24.90
C HIS B 198 20.64 18.31 26.04
N LYS B 199 19.96 19.15 26.81
CA LYS B 199 19.20 18.65 27.95
C LYS B 199 17.99 17.82 27.51
N SER B 200 17.38 18.16 26.38
CA SER B 200 16.20 17.42 25.93
C SER B 200 15.88 17.77 24.48
N TYR B 201 15.04 16.92 23.87
CA TYR B 201 14.56 17.10 22.51
C TYR B 201 13.04 16.99 22.50
N SER B 202 12.40 17.76 21.62
CA SER B 202 10.95 17.84 21.54
C SER B 202 10.49 17.58 20.12
N CYS B 203 9.43 16.79 20.00
CA CYS B 203 8.67 16.63 18.77
C CYS B 203 7.34 17.35 18.95
N GLN B 204 6.98 18.16 17.95
CA GLN B 204 5.88 19.10 18.06
C GLN B 204 5.00 18.94 16.83
N VAL B 205 3.79 18.43 17.03
CA VAL B 205 2.88 18.09 15.95
C VAL B 205 1.73 19.08 15.95
N THR B 206 1.56 19.77 14.84
CA THR B 206 0.50 20.76 14.69
C THR B 206 -0.56 20.21 13.76
N HIS B 207 -1.81 20.33 14.18
CA HIS B 207 -2.97 19.75 13.52
C HIS B 207 -4.07 20.81 13.63
N GLU B 208 -4.36 21.47 12.50
CA GLU B 208 -5.42 22.47 12.40
C GLU B 208 -5.33 23.51 13.50
N GLY B 209 -4.11 23.99 13.76
CA GLY B 209 -3.89 25.06 14.70
C GLY B 209 -3.62 24.61 16.12
N SER B 210 -3.95 23.37 16.46
CA SER B 210 -3.62 22.87 17.79
C SER B 210 -2.30 22.12 17.72
N THR B 211 -1.65 21.96 18.87
CA THR B 211 -0.31 21.38 18.89
C THR B 211 -0.17 20.41 20.05
N VAL B 212 0.38 19.24 19.76
CA VAL B 212 0.77 18.26 20.77
C VAL B 212 2.30 18.20 20.77
N GLU B 213 2.90 18.08 21.94
CA GLU B 213 4.35 18.07 22.04
C GLU B 213 4.79 16.99 23.02
N LYS B 214 5.79 16.21 22.61
CA LYS B 214 6.43 15.22 23.47
C LYS B 214 7.92 15.52 23.54
N THR B 215 8.54 15.18 24.67
CA THR B 215 9.96 15.43 24.88
C THR B 215 10.65 14.18 25.41
N VAL B 216 11.93 14.04 25.09
CA VAL B 216 12.78 12.98 25.63
C VAL B 216 14.07 13.62 26.12
N ALA B 217 14.64 13.05 27.19
CA ALA B 217 15.84 13.60 27.80
C ALA B 217 16.94 12.55 27.87
N PRO B 218 18.18 12.89 27.47
CA PRO B 218 19.36 12.01 27.53
C PRO B 218 19.65 11.46 28.93
#